data_4HCQ
#
_entry.id   4HCQ
#
_cell.length_a   79.270
_cell.length_b   79.270
_cell.length_c   276.730
_cell.angle_alpha   90.00
_cell.angle_beta   90.00
_cell.angle_gamma   120.00
#
_symmetry.space_group_name_H-M   'H 3'
#
loop_
_entity.id
_entity.type
_entity.pdbx_description
1 polymer 'Bifunctional protein GlmU'
2 non-polymer 2-acetamido-2-deoxy-1-O-phosphono-alpha-D-glucopyranose
3 non-polymer 'COBALT (II) ION'
4 non-polymer 'MAGNESIUM ION'
5 water water
#
_entity_poly.entity_id   1
_entity_poly.type   'polypeptide(L)'
_entity_poly.pdbx_seq_one_letter_code
;HHHHHHMTFPGDTAVLVLAAGPGTRMRSDTPKVLHTLAGRSMLSHVLHAIAKLAPQRLIVVLGHDHQRIAPLVGELADTL
GRTIDVALQDRPLGTGHAVLCGLSALPDDYAGNVVVTSGDTPLLDADTLADLIATHRAVSAAVTVLTTTLDDPFGYGRIL
RTQDHEVMAIVEQTDATPSQREIREVNAGVYAFDIAALRSALSRLSSNNAQQELYLTDVIAILRSDGQTVHASHVDDSAL
VAGVNNRVQLAELASELNRRVVAAHQLAGVTVVDPATTWIDVDVTIGRDTVIHPGTQLLGRTQIGGRCVVGPDTTLTDVA
VGDGASVVRTHGSSSSIGDGAAVGPFTYLRPGTALGADGKLGAFVEVKNSTIGTGTKVPHLTYVGDADIGEYSNIGASSV
FVNYDGTSKRRTTVGSHVRTGSDTMFVAPVTIGDGAYTGAGTVVREDVPPGALAVSAGPQRNIENWVQRKRPGSPAAQAS
KRASEMACQQPTQPPDADQTP
;
_entity_poly.pdbx_strand_id   A
#
# COMPACT_ATOMS: atom_id res chain seq x y z
N ASP A 12 6.91 18.37 -26.83
CA ASP A 12 6.92 18.42 -25.35
C ASP A 12 5.60 17.76 -24.85
N THR A 13 5.52 17.32 -23.57
CA THR A 13 4.23 16.86 -22.98
C THR A 13 4.04 17.16 -21.48
N ALA A 14 2.88 17.70 -21.10
CA ALA A 14 2.56 18.01 -19.67
C ALA A 14 1.35 17.25 -19.09
N VAL A 15 1.52 16.67 -17.91
CA VAL A 15 0.47 15.90 -17.26
C VAL A 15 -0.09 16.68 -16.08
N LEU A 16 -1.40 16.93 -16.08
CA LEU A 16 -2.12 17.50 -14.94
C LEU A 16 -2.88 16.42 -14.17
N VAL A 17 -2.82 16.49 -12.84
CA VAL A 17 -3.49 15.52 -12.04
C VAL A 17 -4.56 16.25 -11.26
N LEU A 18 -5.82 15.97 -11.60
CA LEU A 18 -6.93 16.65 -10.95
C LEU A 18 -7.26 16.04 -9.58
N ALA A 19 -6.68 16.56 -8.51
CA ALA A 19 -6.94 16.08 -7.16
C ALA A 19 -7.58 17.14 -6.28
N ALA A 20 -8.48 17.92 -6.87
CA ALA A 20 -8.98 19.14 -6.24
C ALA A 20 -10.32 18.95 -5.55
N GLY A 21 -11.07 17.94 -5.95
CA GLY A 21 -12.42 17.73 -5.44
C GLY A 21 -12.47 17.31 -3.98
N PRO A 22 -13.67 17.34 -3.39
CA PRO A 22 -13.92 17.12 -1.91
C PRO A 22 -14.09 15.66 -1.41
N GLY A 23 -14.38 14.74 -2.34
CA GLY A 23 -14.65 13.37 -1.99
C GLY A 23 -15.67 13.18 -0.89
N THR A 24 -16.83 13.84 -1.05
CA THR A 24 -17.78 13.94 0.05
C THR A 24 -18.39 12.56 0.27
N ARG A 25 -18.53 11.80 -0.82
CA ARG A 25 -19.08 10.44 -0.70
C ARG A 25 -18.16 9.36 -0.03
N MET A 26 -16.91 9.71 0.25
CA MET A 26 -16.04 8.91 1.05
C MET A 26 -16.47 8.90 2.50
N ARG A 27 -17.29 9.86 2.89
CA ARG A 27 -17.54 10.22 4.31
C ARG A 27 -16.33 10.12 5.21
N SER A 28 -15.36 11.00 4.99
CA SER A 28 -14.10 10.84 5.68
C SER A 28 -13.42 12.15 6.07
N ASP A 29 -12.86 12.18 7.27
CA ASP A 29 -12.08 13.35 7.63
C ASP A 29 -10.69 13.35 6.99
N THR A 30 -10.37 12.26 6.29
CA THR A 30 -9.07 12.07 5.65
C THR A 30 -9.33 12.26 4.17
N PRO A 31 -8.54 13.11 3.51
CA PRO A 31 -8.84 13.38 2.08
C PRO A 31 -8.80 12.12 1.20
N LYS A 32 -9.79 12.01 0.32
CA LYS A 32 -9.97 10.85 -0.52
C LYS A 32 -8.68 10.29 -1.09
N VAL A 33 -7.87 11.19 -1.59
CA VAL A 33 -6.80 10.89 -2.49
C VAL A 33 -5.61 10.32 -1.68
N LEU A 34 -5.65 10.50 -0.36
CA LEU A 34 -4.69 9.88 0.54
C LEU A 34 -5.17 8.58 1.19
N HIS A 35 -6.36 8.07 0.89
CA HIS A 35 -6.68 6.73 1.35
C HIS A 35 -5.79 5.78 0.51
N THR A 36 -5.37 4.68 1.13
CA THR A 36 -4.29 3.79 0.64
C THR A 36 -4.83 2.44 0.23
N LEU A 37 -4.07 1.74 -0.63
CA LEU A 37 -4.35 0.36 -1.03
C LEU A 37 -3.03 -0.22 -1.46
N ALA A 38 -2.73 -1.46 -1.02
CA ALA A 38 -1.49 -2.18 -1.37
C ALA A 38 -0.26 -1.41 -1.00
N GLY A 39 -0.37 -0.44 -0.10
CA GLY A 39 0.82 0.14 0.42
C GLY A 39 1.15 1.54 -0.05
N ARG A 40 0.43 2.05 -1.05
CA ARG A 40 0.47 3.45 -1.47
C ARG A 40 -0.92 4.12 -1.40
N SER A 41 -0.94 5.44 -1.19
CA SER A 41 -2.16 6.26 -1.26
C SER A 41 -2.57 6.29 -2.69
N MET A 42 -3.82 6.62 -2.99
CA MET A 42 -4.19 6.70 -4.40
C MET A 42 -3.31 7.67 -5.17
N LEU A 43 -3.00 8.79 -4.52
CA LEU A 43 -2.29 9.84 -5.16
C LEU A 43 -0.93 9.25 -5.53
N SER A 44 -0.32 8.53 -4.60
CA SER A 44 0.99 7.97 -4.86
C SER A 44 1.03 6.98 -6.01
N HIS A 45 0.01 6.10 -6.09
CA HIS A 45 -0.14 5.24 -7.23
C HIS A 45 -0.27 6.04 -8.50
N VAL A 46 -1.11 7.08 -8.51
CA VAL A 46 -1.23 7.79 -9.77
C VAL A 46 0.13 8.43 -10.17
N LEU A 47 0.79 9.06 -9.21
CA LEU A 47 2.04 9.79 -9.50
C LEU A 47 3.20 8.90 -9.94
N HIS A 48 3.42 7.77 -9.24
CA HIS A 48 4.36 6.71 -9.67
C HIS A 48 4.14 6.30 -11.11
N ALA A 49 2.90 6.16 -11.53
CA ALA A 49 2.65 5.67 -12.86
C ALA A 49 3.06 6.75 -13.86
N ILE A 50 2.79 7.99 -13.53
CA ILE A 50 3.06 9.06 -14.46
C ILE A 50 4.57 9.24 -14.53
N ALA A 51 5.18 9.40 -13.36
CA ALA A 51 6.63 9.42 -13.23
C ALA A 51 7.37 8.46 -14.14
N LYS A 52 6.90 7.23 -14.33
CA LYS A 52 7.58 6.23 -15.19
C LYS A 52 7.55 6.63 -16.65
N LEU A 53 6.48 7.30 -17.05
CA LEU A 53 6.36 7.84 -18.40
C LEU A 53 7.29 9.09 -18.61
N ALA A 54 7.65 9.74 -17.50
CA ALA A 54 8.56 10.91 -17.49
C ALA A 54 8.13 12.05 -18.44
N PRO A 55 6.96 12.65 -18.20
CA PRO A 55 6.64 13.81 -19.02
C PRO A 55 7.50 15.00 -18.56
N GLN A 56 7.60 16.02 -19.40
CA GLN A 56 8.47 17.17 -19.14
C GLN A 56 7.92 18.02 -18.01
N ARG A 57 6.61 18.20 -17.96
CA ARG A 57 5.99 18.86 -16.80
C ARG A 57 4.95 18.00 -16.11
N LEU A 58 4.77 18.23 -14.81
CA LEU A 58 3.86 17.46 -14.01
C LEU A 58 3.19 18.30 -12.92
N ILE A 59 1.89 18.51 -13.06
CA ILE A 59 1.19 19.48 -12.24
C ILE A 59 0.01 18.77 -11.58
N VAL A 60 -0.03 18.89 -10.27
CA VAL A 60 -1.13 18.33 -9.48
C VAL A 60 -2.00 19.49 -8.97
N VAL A 61 -3.26 19.56 -9.39
CA VAL A 61 -4.17 20.65 -9.01
C VAL A 61 -4.83 20.28 -7.69
N LEU A 62 -4.68 21.08 -6.66
CA LEU A 62 -5.34 20.81 -5.37
C LEU A 62 -6.36 21.87 -5.06
N GLY A 63 -7.33 21.54 -4.21
CA GLY A 63 -8.47 22.44 -3.88
C GLY A 63 -8.82 22.35 -2.40
N HIS A 64 -9.88 21.61 -2.05
CA HIS A 64 -10.05 21.36 -0.61
C HIS A 64 -9.03 20.43 0.07
N ASP A 65 -8.52 20.89 1.20
CA ASP A 65 -7.58 20.13 2.02
C ASP A 65 -6.15 20.24 1.52
N HIS A 66 -5.90 21.21 0.62
CA HIS A 66 -4.61 21.33 -0.03
C HIS A 66 -3.39 21.43 0.91
N GLN A 67 -3.55 22.07 2.07
CA GLN A 67 -2.49 22.16 3.13
C GLN A 67 -2.19 20.77 3.70
N ARG A 68 -3.21 19.91 3.73
CA ARG A 68 -3.04 18.51 4.12
C ARG A 68 -2.46 17.60 3.00
N ILE A 69 -2.72 17.90 1.73
CA ILE A 69 -2.14 17.11 0.59
C ILE A 69 -0.79 17.61 -0.03
N ALA A 70 -0.52 18.92 0.03
CA ALA A 70 0.68 19.53 -0.62
C ALA A 70 2.00 18.95 -0.17
N PRO A 71 2.19 18.80 1.17
CA PRO A 71 3.47 18.29 1.72
C PRO A 71 3.76 16.86 1.29
N LEU A 72 2.70 16.08 1.06
CA LEU A 72 2.85 14.72 0.54
C LEU A 72 3.13 14.70 -0.96
N VAL A 73 2.73 15.74 -1.69
CA VAL A 73 3.14 15.86 -3.09
C VAL A 73 4.64 16.12 -3.18
N GLY A 74 5.14 17.00 -2.32
CA GLY A 74 6.58 17.31 -2.24
C GLY A 74 7.45 16.12 -1.83
N GLU A 75 7.03 15.41 -0.76
CA GLU A 75 7.58 14.09 -0.33
C GLU A 75 7.70 13.08 -1.50
N LEU A 76 6.68 13.05 -2.36
CA LEU A 76 6.64 12.16 -3.51
C LEU A 76 7.51 12.62 -4.67
N ALA A 77 7.64 13.93 -4.84
CA ALA A 77 8.59 14.49 -5.79
C ALA A 77 10.04 14.11 -5.45
N ASP A 78 10.36 13.98 -4.17
CA ASP A 78 11.75 13.62 -3.81
C ASP A 78 11.97 12.14 -4.03
N THR A 79 11.00 11.33 -3.61
CA THR A 79 11.10 9.90 -3.84
C THR A 79 11.21 9.55 -5.33
N LEU A 80 10.54 10.29 -6.21
CA LEU A 80 10.57 9.97 -7.63
C LEU A 80 11.65 10.73 -8.35
N GLY A 81 12.31 11.62 -7.61
CA GLY A 81 13.43 12.41 -8.11
C GLY A 81 13.09 13.22 -9.35
N ARG A 82 12.12 14.11 -9.18
CA ARG A 82 11.69 15.00 -10.23
C ARG A 82 10.85 16.08 -9.59
N THR A 83 10.63 17.17 -10.32
CA THR A 83 9.89 18.33 -9.79
C THR A 83 8.42 18.02 -9.98
N ILE A 84 7.62 18.19 -8.93
CA ILE A 84 6.18 18.13 -9.15
C ILE A 84 5.55 19.41 -8.67
N ASP A 85 4.92 20.13 -9.59
CA ASP A 85 4.34 21.44 -9.27
C ASP A 85 2.92 21.30 -8.74
N VAL A 86 2.45 22.34 -8.09
CA VAL A 86 1.16 22.26 -7.45
C VAL A 86 0.41 23.51 -7.85
N ALA A 87 -0.73 23.33 -8.52
CA ALA A 87 -1.56 24.45 -8.89
C ALA A 87 -2.75 24.43 -7.97
N LEU A 88 -2.99 25.52 -7.23
CA LEU A 88 -4.18 25.60 -6.36
C LEU A 88 -5.47 25.98 -7.11
N GLN A 89 -6.59 25.36 -6.77
CA GLN A 89 -7.87 25.79 -7.33
C GLN A 89 -8.65 26.54 -6.24
N ASP A 90 -8.71 27.86 -6.37
CA ASP A 90 -9.39 28.74 -5.39
C ASP A 90 -10.89 28.47 -5.21
N ARG A 91 -11.62 28.33 -6.31
CA ARG A 91 -13.08 28.15 -6.27
C ARG A 91 -13.52 26.75 -6.77
N PRO A 92 -14.26 25.98 -5.95
CA PRO A 92 -14.79 24.72 -6.54
C PRO A 92 -15.70 24.97 -7.78
N LEU A 93 -15.08 25.44 -8.86
CA LEU A 93 -15.83 25.86 -10.04
C LEU A 93 -15.89 24.82 -11.15
N GLY A 94 -15.55 23.58 -10.80
CA GLY A 94 -15.63 22.47 -11.73
C GLY A 94 -14.28 21.94 -12.16
N THR A 95 -14.32 20.87 -12.95
CA THR A 95 -13.10 20.24 -13.43
C THR A 95 -12.54 21.01 -14.61
N GLY A 96 -13.45 21.53 -15.44
CA GLY A 96 -13.08 22.48 -16.49
C GLY A 96 -12.28 23.60 -15.83
N HIS A 97 -12.76 24.11 -14.71
CA HIS A 97 -12.04 25.15 -14.06
C HIS A 97 -10.73 24.65 -13.53
N ALA A 98 -10.71 23.41 -13.02
CA ALA A 98 -9.48 22.82 -12.49
C ALA A 98 -8.37 22.68 -13.57
N VAL A 99 -8.74 22.33 -14.80
CA VAL A 99 -7.71 22.26 -15.83
C VAL A 99 -7.13 23.65 -15.99
N LEU A 100 -7.98 24.66 -16.17
CA LEU A 100 -7.49 26.04 -16.21
C LEU A 100 -6.55 26.41 -15.07
N CYS A 101 -6.94 26.16 -13.83
CA CYS A 101 -6.00 26.45 -12.74
C CYS A 101 -4.64 25.78 -12.99
N GLY A 102 -4.68 24.55 -13.51
CA GLY A 102 -3.49 23.73 -13.71
C GLY A 102 -2.64 24.29 -14.82
N LEU A 103 -3.27 24.85 -15.84
CA LEU A 103 -2.52 25.39 -16.95
C LEU A 103 -1.71 26.62 -16.54
N SER A 104 -2.11 27.32 -15.50
CA SER A 104 -1.44 28.55 -15.09
C SER A 104 -0.02 28.31 -14.56
N ALA A 105 0.30 27.07 -14.24
CA ALA A 105 1.63 26.71 -13.78
C ALA A 105 2.51 26.45 -14.99
N LEU A 106 1.89 26.38 -16.18
CA LEU A 106 2.64 26.28 -17.42
C LEU A 106 2.89 27.70 -17.94
N PRO A 107 4.07 27.93 -18.52
CA PRO A 107 4.37 29.12 -19.31
C PRO A 107 3.37 29.38 -20.46
N ASP A 108 3.07 30.66 -20.71
CA ASP A 108 2.10 31.06 -21.76
C ASP A 108 2.44 30.51 -23.13
N ASP A 109 3.75 30.48 -23.44
CA ASP A 109 4.31 30.02 -24.71
C ASP A 109 4.22 28.51 -24.87
N TYR A 110 3.64 27.80 -23.88
CA TYR A 110 3.71 26.35 -23.83
C TYR A 110 3.13 25.70 -25.04
N ALA A 111 3.93 24.85 -25.69
CA ALA A 111 3.54 24.26 -26.98
C ALA A 111 3.26 22.76 -26.96
N GLY A 112 3.67 22.05 -25.90
CA GLY A 112 3.32 20.62 -25.74
C GLY A 112 1.84 20.14 -25.79
N ASN A 113 1.68 18.80 -25.73
CA ASN A 113 0.42 18.14 -25.42
C ASN A 113 0.10 18.29 -23.94
N VAL A 114 -1.17 18.47 -23.61
CA VAL A 114 -1.60 18.33 -22.22
C VAL A 114 -2.41 17.05 -22.05
N VAL A 115 -2.03 16.28 -21.04
CA VAL A 115 -2.74 15.08 -20.66
C VAL A 115 -3.40 15.41 -19.34
N VAL A 116 -4.71 15.17 -19.25
CA VAL A 116 -5.43 15.29 -17.98
C VAL A 116 -5.77 13.92 -17.35
N THR A 117 -5.63 13.83 -16.03
CA THR A 117 -5.76 12.61 -15.26
C THR A 117 -6.36 13.04 -13.91
N SER A 118 -7.05 12.16 -13.17
CA SER A 118 -7.32 12.48 -11.76
C SER A 118 -6.34 11.75 -10.91
N GLY A 119 -6.47 11.93 -9.60
CA GLY A 119 -5.68 11.11 -8.70
C GLY A 119 -6.54 10.16 -7.89
N ASP A 120 -7.60 9.62 -8.49
CA ASP A 120 -8.40 8.69 -7.74
C ASP A 120 -8.59 7.41 -8.52
N THR A 121 -7.65 7.19 -9.39
CA THR A 121 -7.69 6.15 -10.37
C THR A 121 -6.42 5.27 -10.13
N PRO A 122 -6.41 4.49 -9.04
CA PRO A 122 -5.10 3.99 -8.61
C PRO A 122 -4.47 2.89 -9.51
N LEU A 123 -5.23 2.29 -10.44
CA LEU A 123 -4.61 1.23 -11.21
C LEU A 123 -4.22 1.69 -12.57
N LEU A 124 -4.34 3.00 -12.84
CA LEU A 124 -3.90 3.52 -14.13
C LEU A 124 -2.39 3.38 -14.22
N ASP A 125 -1.92 2.87 -15.35
CA ASP A 125 -0.54 2.44 -15.45
C ASP A 125 0.18 3.25 -16.52
N ALA A 126 1.50 3.16 -16.56
CA ALA A 126 2.28 3.87 -17.57
C ALA A 126 1.99 3.46 -19.02
N ASP A 127 1.58 2.21 -19.28
CA ASP A 127 1.31 1.84 -20.69
C ASP A 127 0.05 2.51 -21.22
N THR A 128 -0.92 2.72 -20.34
CA THR A 128 -2.20 3.22 -20.80
C THR A 128 -1.99 4.67 -21.20
N LEU A 129 -1.16 5.38 -20.46
CA LEU A 129 -0.96 6.75 -20.78
C LEU A 129 -0.22 6.85 -22.12
N ALA A 130 0.80 5.99 -22.27
CA ALA A 130 1.59 5.91 -23.46
C ALA A 130 0.69 5.60 -24.64
N ASP A 131 -0.18 4.61 -24.50
CA ASP A 131 -1.07 4.27 -25.61
C ASP A 131 -1.93 5.50 -25.98
N LEU A 132 -2.23 6.34 -24.97
CA LEU A 132 -3.13 7.47 -25.16
C LEU A 132 -2.39 8.55 -25.89
N ILE A 133 -1.17 8.86 -25.46
CA ILE A 133 -0.35 9.87 -26.15
C ILE A 133 -0.04 9.44 -27.58
N ALA A 134 0.53 8.26 -27.74
CA ALA A 134 0.73 7.66 -29.07
C ALA A 134 -0.51 7.75 -29.99
N THR A 135 -1.66 7.25 -29.55
CA THR A 135 -2.89 7.35 -30.33
C THR A 135 -3.25 8.80 -30.64
N HIS A 136 -3.12 9.64 -29.63
CA HIS A 136 -3.43 11.04 -29.79
C HIS A 136 -2.65 11.64 -30.99
N ARG A 137 -1.33 11.40 -31.01
CA ARG A 137 -0.42 11.93 -32.04
C ARG A 137 -0.65 11.27 -33.40
N ALA A 138 -1.06 10.00 -33.37
CA ALA A 138 -1.23 9.19 -34.57
C ALA A 138 -2.41 9.63 -35.40
N VAL A 139 -3.43 10.14 -34.73
CA VAL A 139 -4.64 10.51 -35.44
C VAL A 139 -4.74 12.02 -35.60
N SER A 140 -3.66 12.71 -35.17
CA SER A 140 -3.55 14.19 -35.20
C SER A 140 -4.78 14.88 -34.60
N ALA A 141 -5.08 14.54 -33.34
CA ALA A 141 -6.38 14.85 -32.78
C ALA A 141 -6.29 16.08 -31.88
N ALA A 142 -7.41 16.80 -31.75
CA ALA A 142 -7.38 17.96 -30.89
C ALA A 142 -7.57 17.48 -29.48
N VAL A 143 -8.52 16.56 -29.30
CA VAL A 143 -8.80 15.90 -28.04
C VAL A 143 -8.96 14.39 -28.17
N THR A 144 -8.28 13.65 -27.31
CA THR A 144 -8.48 12.21 -27.27
C THR A 144 -8.92 11.89 -25.87
N VAL A 145 -9.99 11.11 -25.77
CA VAL A 145 -10.45 10.68 -24.46
C VAL A 145 -10.49 9.16 -24.29
N LEU A 146 -10.03 8.66 -23.14
CA LEU A 146 -10.14 7.24 -22.81
C LEU A 146 -11.55 6.91 -22.38
N THR A 147 -12.09 5.86 -22.99
CA THR A 147 -13.40 5.39 -22.63
C THR A 147 -13.26 3.96 -22.13
N THR A 148 -14.36 3.39 -21.67
CA THR A 148 -14.45 1.97 -21.34
C THR A 148 -15.97 1.61 -21.14
N THR A 149 -16.30 0.32 -21.12
CA THR A 149 -17.68 0.00 -20.88
C THR A 149 -17.89 -0.90 -19.65
N LEU A 150 -18.97 -0.60 -18.92
CA LEU A 150 -19.23 -1.15 -17.59
C LEU A 150 -20.61 -1.81 -17.41
N ASP A 151 -20.63 -2.84 -16.57
CA ASP A 151 -21.89 -3.41 -16.12
C ASP A 151 -22.79 -2.34 -15.51
N ASP A 152 -22.29 -1.68 -14.46
CA ASP A 152 -22.96 -0.55 -13.84
C ASP A 152 -22.21 0.76 -14.19
N PRO A 153 -22.78 1.58 -15.12
CA PRO A 153 -22.15 2.87 -15.51
C PRO A 153 -22.50 4.06 -14.59
N PHE A 154 -23.20 3.82 -13.48
CA PHE A 154 -23.58 4.89 -12.56
C PHE A 154 -22.42 5.85 -12.23
N GLY A 155 -22.72 7.14 -12.25
CA GLY A 155 -21.82 8.13 -11.70
C GLY A 155 -20.78 8.60 -12.70
N TYR A 156 -20.75 7.99 -13.88
CA TYR A 156 -19.74 8.30 -14.91
C TYR A 156 -20.37 9.09 -16.09
N GLY A 157 -19.63 10.01 -16.72
CA GLY A 157 -20.14 10.66 -17.93
C GLY A 157 -20.39 9.55 -18.94
N ARG A 158 -21.43 9.68 -19.76
CA ARG A 158 -21.70 8.67 -20.80
C ARG A 158 -21.14 9.19 -22.09
N ILE A 159 -20.69 8.28 -22.93
CA ILE A 159 -20.20 8.61 -24.26
C ILE A 159 -21.34 8.56 -25.27
N LEU A 160 -21.55 9.69 -25.96
CA LEU A 160 -22.57 9.82 -27.01
C LEU A 160 -21.91 9.86 -28.37
N ARG A 161 -22.42 9.04 -29.31
CA ARG A 161 -21.91 8.91 -30.69
C ARG A 161 -23.05 9.07 -31.71
N THR A 162 -22.73 9.49 -32.94
CA THR A 162 -23.71 9.53 -34.08
C THR A 162 -24.22 8.10 -34.50
N GLN A 163 -25.01 7.97 -35.59
CA GLN A 163 -25.20 6.61 -36.24
C GLN A 163 -23.82 6.05 -36.62
N ASP A 164 -23.00 6.98 -37.09
CA ASP A 164 -21.76 6.75 -37.78
C ASP A 164 -20.61 6.49 -36.81
N HIS A 165 -20.96 6.21 -35.54
CA HIS A 165 -20.02 5.90 -34.43
C HIS A 165 -19.10 7.05 -33.99
N GLU A 166 -19.28 8.24 -34.58
CA GLU A 166 -18.44 9.41 -34.30
C GLU A 166 -18.85 9.96 -32.90
N VAL A 167 -17.85 10.20 -32.04
CA VAL A 167 -18.05 10.81 -30.71
C VAL A 167 -18.65 12.21 -30.78
N MET A 168 -19.89 12.32 -30.33
CA MET A 168 -20.65 13.59 -30.31
C MET A 168 -20.29 14.48 -29.12
N ALA A 169 -20.28 13.87 -27.93
CA ALA A 169 -20.38 14.60 -26.68
C ALA A 169 -20.28 13.65 -25.52
N ILE A 170 -20.11 14.21 -24.33
CA ILE A 170 -20.13 13.45 -23.07
C ILE A 170 -21.21 14.04 -22.13
N VAL A 171 -22.16 13.21 -21.68
CA VAL A 171 -23.23 13.69 -20.79
C VAL A 171 -23.07 13.18 -19.34
N GLU A 172 -22.85 14.09 -18.40
CA GLU A 172 -22.77 13.71 -16.99
C GLU A 172 -23.97 12.91 -16.41
N GLN A 173 -23.71 12.12 -15.36
CA GLN A 173 -24.76 11.30 -14.70
C GLN A 173 -25.95 12.17 -14.25
N THR A 174 -25.64 13.32 -13.64
CA THR A 174 -26.64 14.25 -13.12
C THR A 174 -27.39 14.86 -14.27
N ASP A 175 -26.80 14.83 -15.46
CA ASP A 175 -27.46 15.48 -16.56
C ASP A 175 -28.09 14.54 -17.57
N ALA A 176 -27.87 13.24 -17.46
CA ALA A 176 -28.40 12.37 -18.53
C ALA A 176 -29.92 12.14 -18.40
N THR A 177 -30.59 12.03 -19.56
CA THR A 177 -31.99 11.54 -19.60
C THR A 177 -31.99 10.09 -19.06
N PRO A 178 -33.15 9.57 -18.53
CA PRO A 178 -33.14 8.11 -18.15
C PRO A 178 -32.69 7.22 -19.32
N SER A 179 -33.10 7.63 -20.52
CA SER A 179 -32.71 6.96 -21.75
C SER A 179 -31.18 6.95 -21.94
N GLN A 180 -30.53 8.05 -21.58
CA GLN A 180 -29.08 8.11 -21.65
C GLN A 180 -28.39 7.42 -20.47
N ARG A 181 -29.07 7.35 -19.34
CA ARG A 181 -28.44 6.72 -18.20
C ARG A 181 -28.19 5.24 -18.50
N GLU A 182 -28.83 4.73 -19.57
CA GLU A 182 -28.72 3.32 -20.01
C GLU A 182 -27.39 3.04 -20.76
N ILE A 183 -26.84 4.07 -21.42
CA ILE A 183 -25.58 3.97 -22.17
C ILE A 183 -24.45 3.41 -21.27
N ARG A 184 -23.74 2.40 -21.77
CA ARG A 184 -22.77 1.68 -20.94
C ARG A 184 -21.31 1.96 -21.37
N GLU A 185 -21.12 2.68 -22.48
CA GLU A 185 -19.83 3.35 -22.71
C GLU A 185 -19.63 4.58 -21.82
N VAL A 186 -18.55 4.63 -21.06
CA VAL A 186 -18.34 5.73 -20.13
C VAL A 186 -17.05 6.46 -20.41
N ASN A 187 -17.01 7.71 -19.91
CA ASN A 187 -15.84 8.57 -19.93
C ASN A 187 -14.94 8.22 -18.75
N ALA A 188 -13.75 7.69 -19.04
CA ALA A 188 -12.74 7.47 -18.02
C ALA A 188 -12.20 8.75 -17.32
N GLY A 189 -12.42 9.92 -17.91
CA GLY A 189 -11.87 11.15 -17.38
C GLY A 189 -10.36 11.25 -17.48
N VAL A 190 -9.79 10.55 -18.47
CA VAL A 190 -8.37 10.65 -18.85
C VAL A 190 -8.31 11.10 -20.32
N TYR A 191 -7.59 12.19 -20.58
CA TYR A 191 -7.60 12.79 -21.92
C TYR A 191 -6.18 13.16 -22.37
N ALA A 192 -6.01 13.34 -23.68
CA ALA A 192 -4.89 14.11 -24.21
C ALA A 192 -5.42 15.32 -25.01
N PHE A 193 -4.97 16.53 -24.71
CA PHE A 193 -5.37 17.69 -25.54
C PHE A 193 -4.26 18.33 -26.34
N ASP A 194 -4.54 18.69 -27.59
CA ASP A 194 -3.76 19.80 -28.20
C ASP A 194 -4.00 21.10 -27.38
N ILE A 195 -2.92 21.75 -26.97
CA ILE A 195 -3.03 22.86 -26.02
C ILE A 195 -3.81 24.10 -26.52
N ALA A 196 -3.56 24.50 -27.77
CA ALA A 196 -4.29 25.65 -28.32
C ALA A 196 -5.76 25.31 -28.31
N ALA A 197 -6.12 24.10 -28.73
CA ALA A 197 -7.52 23.69 -28.69
C ALA A 197 -8.09 23.62 -27.26
N LEU A 198 -7.27 23.22 -26.29
CA LEU A 198 -7.75 23.16 -24.92
C LEU A 198 -8.01 24.55 -24.36
N ARG A 199 -7.02 25.43 -24.47
CA ARG A 199 -7.21 26.83 -24.07
C ARG A 199 -8.46 27.46 -24.67
N SER A 200 -8.68 27.17 -25.94
CA SER A 200 -9.71 27.85 -26.67
C SER A 200 -11.12 27.35 -26.36
N ALA A 201 -11.25 26.13 -25.86
CA ALA A 201 -12.59 25.57 -25.52
C ALA A 201 -12.94 25.76 -24.04
N LEU A 202 -11.90 25.91 -23.23
CA LEU A 202 -12.07 26.24 -21.83
C LEU A 202 -12.71 27.61 -21.69
N SER A 203 -12.33 28.55 -22.55
CA SER A 203 -12.98 29.84 -22.59
C SER A 203 -14.46 29.74 -23.00
N ARG A 204 -14.88 28.68 -23.65
CA ARG A 204 -16.25 28.72 -24.13
C ARG A 204 -17.21 27.89 -23.27
N LEU A 205 -16.65 27.32 -22.18
CA LEU A 205 -17.42 26.62 -21.15
C LEU A 205 -18.31 27.59 -20.38
N SER A 206 -19.59 27.22 -20.27
CA SER A 206 -20.52 27.90 -19.39
C SER A 206 -21.05 26.91 -18.33
N SER A 207 -21.55 27.44 -17.21
CA SER A 207 -22.04 26.56 -16.14
C SER A 207 -23.57 26.32 -16.07
N ASN A 208 -24.30 26.37 -17.19
CA ASN A 208 -25.69 26.02 -17.05
C ASN A 208 -25.96 24.52 -17.18
N ASN A 209 -25.79 23.82 -16.06
CA ASN A 209 -25.94 22.39 -15.97
C ASN A 209 -26.32 21.97 -14.54
N ALA A 210 -26.65 20.71 -14.32
CA ALA A 210 -27.11 20.27 -13.02
C ALA A 210 -26.25 20.62 -11.83
N GLN A 211 -24.95 20.80 -11.97
CA GLN A 211 -24.13 21.01 -10.76
C GLN A 211 -23.68 22.46 -10.70
N GLN A 212 -24.11 23.23 -11.71
CA GLN A 212 -23.70 24.61 -11.90
C GLN A 212 -22.19 24.74 -11.77
N GLU A 213 -21.51 23.82 -12.47
CA GLU A 213 -20.07 23.87 -12.61
C GLU A 213 -19.68 23.96 -14.06
N LEU A 214 -18.38 24.14 -14.24
CA LEU A 214 -17.72 24.18 -15.54
C LEU A 214 -17.25 22.77 -15.86
N TYR A 215 -18.01 22.04 -16.64
CA TYR A 215 -17.64 20.66 -16.92
C TYR A 215 -16.48 20.53 -17.93
N LEU A 216 -15.34 19.93 -17.54
CA LEU A 216 -14.28 19.59 -18.55
C LEU A 216 -14.88 18.83 -19.71
N THR A 217 -15.82 17.94 -19.39
CA THR A 217 -16.46 17.10 -20.39
C THR A 217 -17.24 17.86 -21.45
N ASP A 218 -17.52 19.13 -21.21
CA ASP A 218 -18.21 19.93 -22.25
C ASP A 218 -17.24 20.25 -23.40
N VAL A 219 -15.94 20.13 -23.12
CA VAL A 219 -14.90 20.51 -24.09
C VAL A 219 -15.02 19.67 -25.36
N ILE A 220 -15.60 18.47 -25.23
CA ILE A 220 -15.73 17.55 -26.31
C ILE A 220 -16.72 18.06 -27.33
N ALA A 221 -17.94 18.35 -26.88
CA ALA A 221 -18.95 18.96 -27.77
C ALA A 221 -18.46 20.28 -28.39
N ILE A 222 -17.65 21.00 -27.63
CA ILE A 222 -17.19 22.27 -28.13
C ILE A 222 -16.24 22.04 -29.28
N LEU A 223 -15.25 21.17 -29.12
CA LEU A 223 -14.29 21.01 -30.23
C LEU A 223 -14.96 20.36 -31.41
N ARG A 224 -15.94 19.51 -31.17
CA ARG A 224 -16.70 18.88 -32.24
C ARG A 224 -17.41 19.99 -33.00
N SER A 225 -17.79 21.04 -32.28
CA SER A 225 -18.45 22.18 -32.92
C SER A 225 -17.56 22.93 -33.88
N ASP A 226 -16.30 23.12 -33.51
CA ASP A 226 -15.39 23.80 -34.38
C ASP A 226 -14.88 22.87 -35.45
N GLY A 227 -15.48 21.68 -35.57
CA GLY A 227 -15.04 20.69 -36.56
C GLY A 227 -13.59 20.24 -36.38
N GLN A 228 -13.18 20.22 -35.12
CA GLN A 228 -11.89 19.68 -34.70
C GLN A 228 -11.99 18.16 -34.62
N THR A 229 -10.83 17.49 -34.63
CA THR A 229 -10.83 16.02 -34.55
C THR A 229 -10.98 15.53 -33.11
N VAL A 230 -12.03 14.74 -32.88
CA VAL A 230 -12.28 14.17 -31.55
C VAL A 230 -12.09 12.63 -31.54
N HIS A 231 -11.10 12.16 -30.79
CA HIS A 231 -10.88 10.74 -30.75
C HIS A 231 -11.17 10.14 -29.36
N ALA A 232 -11.88 9.01 -29.36
CA ALA A 232 -12.04 8.18 -28.18
C ALA A 232 -11.25 6.88 -28.34
N SER A 233 -10.47 6.54 -27.32
CA SER A 233 -9.67 5.32 -27.30
C SER A 233 -10.21 4.35 -26.21
N HIS A 234 -10.91 3.29 -26.63
CA HIS A 234 -11.54 2.32 -25.68
C HIS A 234 -10.51 1.46 -24.96
N VAL A 235 -10.58 1.44 -23.62
CA VAL A 235 -9.69 0.57 -22.81
C VAL A 235 -10.46 -0.69 -22.32
N ASP A 236 -10.17 -1.86 -22.90
CA ASP A 236 -10.92 -3.07 -22.53
C ASP A 236 -10.79 -3.48 -21.06
N ASP A 237 -9.59 -3.33 -20.49
CA ASP A 237 -9.39 -3.64 -19.09
C ASP A 237 -9.87 -2.46 -18.19
N SER A 238 -11.19 -2.42 -17.93
CA SER A 238 -11.82 -1.33 -17.16
C SER A 238 -11.20 -0.99 -15.79
N ALA A 239 -10.59 -1.99 -15.13
CA ALA A 239 -9.94 -1.73 -13.85
C ALA A 239 -8.84 -0.64 -14.00
N LEU A 240 -8.22 -0.55 -15.17
CA LEU A 240 -7.11 0.37 -15.36
C LEU A 240 -7.55 1.82 -15.24
N VAL A 241 -8.80 2.12 -15.55
CA VAL A 241 -9.28 3.47 -15.40
C VAL A 241 -10.50 3.61 -14.51
N ALA A 242 -10.62 2.78 -13.49
CA ALA A 242 -11.78 2.87 -12.63
C ALA A 242 -11.38 3.89 -11.62
N GLY A 243 -12.35 4.69 -11.17
CA GLY A 243 -12.08 5.75 -10.21
C GLY A 243 -12.63 5.42 -8.84
N VAL A 244 -12.25 6.16 -7.81
CA VAL A 244 -12.78 5.86 -6.50
C VAL A 244 -13.59 7.02 -5.93
N ASN A 245 -14.89 6.85 -5.75
CA ASN A 245 -15.67 7.90 -5.11
C ASN A 245 -16.09 7.59 -3.67
N ASN A 246 -16.26 6.31 -3.38
CA ASN A 246 -16.68 5.84 -2.07
C ASN A 246 -15.88 4.56 -1.67
N ARG A 247 -16.10 4.12 -0.44
CA ARG A 247 -15.35 3.04 0.13
C ARG A 247 -15.70 1.66 -0.43
N VAL A 248 -16.83 1.51 -1.09
CA VAL A 248 -17.16 0.24 -1.71
C VAL A 248 -16.27 0.09 -2.94
N GLN A 249 -16.03 1.18 -3.66
CA GLN A 249 -15.14 1.17 -4.83
C GLN A 249 -13.65 1.06 -4.41
N LEU A 250 -13.27 1.75 -3.33
CA LEU A 250 -11.93 1.59 -2.80
C LEU A 250 -11.58 0.12 -2.61
N ALA A 251 -12.38 -0.60 -1.83
CA ALA A 251 -12.16 -2.02 -1.60
C ALA A 251 -12.35 -2.91 -2.83
N GLU A 252 -13.28 -2.67 -3.73
CA GLU A 252 -13.33 -3.53 -4.91
C GLU A 252 -11.96 -3.51 -5.70
N LEU A 253 -11.35 -2.33 -5.81
CA LEU A 253 -10.06 -2.16 -6.47
C LEU A 253 -8.85 -2.50 -5.62
N ALA A 254 -8.85 -2.17 -4.35
CA ALA A 254 -7.79 -2.78 -3.54
C ALA A 254 -7.78 -4.29 -3.81
N SER A 255 -8.93 -4.92 -3.80
CA SER A 255 -9.05 -6.33 -4.16
C SER A 255 -8.61 -6.69 -5.61
N GLU A 256 -9.00 -5.91 -6.63
CA GLU A 256 -8.51 -6.19 -7.99
C GLU A 256 -6.96 -6.04 -8.08
N LEU A 257 -6.41 -4.99 -7.54
CA LEU A 257 -4.97 -4.84 -7.52
C LEU A 257 -4.29 -6.01 -6.79
N ASN A 258 -4.80 -6.39 -5.60
CA ASN A 258 -4.31 -7.58 -4.89
C ASN A 258 -4.33 -8.85 -5.75
N ARG A 259 -5.37 -9.07 -6.53
CA ARG A 259 -5.40 -10.29 -7.37
C ARG A 259 -4.19 -10.35 -8.28
N ARG A 260 -3.80 -9.18 -8.79
CA ARG A 260 -2.78 -9.06 -9.80
C ARG A 260 -1.43 -9.17 -9.16
N VAL A 261 -1.28 -8.65 -7.96
CA VAL A 261 0.02 -8.73 -7.34
C VAL A 261 0.28 -10.18 -7.03
N VAL A 262 -0.76 -10.84 -6.51
CA VAL A 262 -0.66 -12.22 -6.08
C VAL A 262 -0.38 -13.06 -7.33
N ALA A 263 -1.18 -12.89 -8.39
CA ALA A 263 -1.02 -13.74 -9.60
C ALA A 263 0.42 -13.61 -10.15
N ALA A 264 0.94 -12.39 -10.12
CA ALA A 264 2.32 -12.14 -10.54
C ALA A 264 3.29 -12.91 -9.68
N HIS A 265 3.10 -12.95 -8.37
CA HIS A 265 3.92 -13.82 -7.55
C HIS A 265 3.69 -15.31 -7.85
N GLN A 266 2.46 -15.77 -8.00
CA GLN A 266 2.25 -17.15 -8.41
C GLN A 266 2.96 -17.62 -9.74
N LEU A 267 2.90 -16.80 -10.78
CA LEU A 267 3.56 -17.11 -12.04
C LEU A 267 5.11 -17.13 -11.88
N ALA A 268 5.63 -16.42 -10.88
CA ALA A 268 7.07 -16.31 -10.67
C ALA A 268 7.51 -17.39 -9.69
N GLY A 269 6.58 -18.25 -9.26
CA GLY A 269 6.99 -19.39 -8.45
C GLY A 269 6.56 -19.45 -7.00
N VAL A 270 5.60 -18.61 -6.57
CA VAL A 270 5.15 -18.66 -5.17
C VAL A 270 3.81 -19.38 -5.11
N THR A 271 3.74 -20.45 -4.31
CA THR A 271 2.43 -21.05 -4.03
C THR A 271 1.65 -20.18 -3.05
N VAL A 272 0.46 -19.76 -3.49
CA VAL A 272 -0.49 -18.99 -2.68
C VAL A 272 -1.79 -19.77 -2.49
N VAL A 273 -2.02 -20.35 -1.31
CA VAL A 273 -3.09 -21.36 -1.18
C VAL A 273 -4.36 -20.69 -1.53
N ASP A 274 -4.53 -19.48 -0.96
CA ASP A 274 -5.74 -18.73 -1.20
C ASP A 274 -5.50 -17.26 -1.57
N PRO A 275 -5.48 -16.92 -2.88
CA PRO A 275 -5.29 -15.52 -3.25
C PRO A 275 -6.26 -14.54 -2.57
N ALA A 276 -7.53 -14.96 -2.45
CA ALA A 276 -8.58 -14.05 -2.00
C ALA A 276 -8.32 -13.58 -0.57
N THR A 277 -7.69 -14.39 0.26
CA THR A 277 -7.32 -13.85 1.54
C THR A 277 -5.80 -13.71 1.73
N THR A 278 -5.10 -13.40 0.66
CA THR A 278 -3.68 -13.15 0.78
C THR A 278 -3.41 -11.76 0.20
N TRP A 279 -3.02 -10.84 1.09
CA TRP A 279 -2.80 -9.40 0.80
C TRP A 279 -1.28 -9.13 0.70
N ILE A 280 -0.88 -8.66 -0.48
CA ILE A 280 0.53 -8.43 -0.70
C ILE A 280 0.69 -7.03 -1.22
N ASP A 281 1.37 -6.18 -0.43
CA ASP A 281 1.70 -4.79 -0.85
C ASP A 281 2.68 -4.76 -2.08
N VAL A 282 2.67 -3.66 -2.82
CA VAL A 282 3.37 -3.63 -4.10
C VAL A 282 4.90 -3.82 -3.93
N ASP A 283 5.48 -3.41 -2.81
CA ASP A 283 6.97 -3.50 -2.66
C ASP A 283 7.47 -4.86 -2.14
N VAL A 284 6.54 -5.79 -1.91
CA VAL A 284 6.86 -7.01 -1.20
C VAL A 284 7.52 -7.93 -2.19
N THR A 285 8.65 -8.55 -1.78
CA THR A 285 9.33 -9.60 -2.61
C THR A 285 9.31 -10.95 -1.95
N ILE A 286 9.11 -11.99 -2.75
CA ILE A 286 9.00 -13.34 -2.26
C ILE A 286 9.75 -14.27 -3.18
N GLY A 287 10.55 -15.14 -2.58
CA GLY A 287 11.38 -16.12 -3.28
C GLY A 287 10.66 -17.35 -3.78
N ARG A 288 11.29 -17.96 -4.77
CA ARG A 288 10.82 -19.17 -5.39
C ARG A 288 10.43 -20.24 -4.33
N ASP A 289 9.36 -20.97 -4.64
CA ASP A 289 8.92 -22.11 -3.88
C ASP A 289 8.57 -21.82 -2.43
N THR A 290 8.39 -20.55 -2.03
CA THR A 290 7.72 -20.39 -0.77
C THR A 290 6.21 -20.63 -0.90
N VAL A 291 5.62 -21.10 0.19
CA VAL A 291 4.17 -21.32 0.29
C VAL A 291 3.61 -20.28 1.24
N ILE A 292 2.57 -19.56 0.79
CA ILE A 292 1.77 -18.69 1.65
C ILE A 292 0.38 -19.32 1.89
N HIS A 293 0.07 -19.58 3.16
CA HIS A 293 -1.23 -20.13 3.57
C HIS A 293 -2.22 -18.98 3.81
N PRO A 294 -3.53 -19.29 3.99
CA PRO A 294 -4.52 -18.21 3.86
C PRO A 294 -4.57 -17.31 5.04
N GLY A 295 -5.13 -16.10 4.90
CA GLY A 295 -5.29 -15.16 6.03
C GLY A 295 -3.91 -14.52 6.25
N THR A 296 -3.14 -14.33 5.18
CA THR A 296 -1.83 -13.67 5.31
C THR A 296 -1.76 -12.27 4.67
N GLN A 297 -1.23 -11.33 5.43
CA GLN A 297 -0.94 -10.00 4.93
C GLN A 297 0.57 -9.77 4.96
N LEU A 298 1.11 -9.44 3.80
CA LEU A 298 2.55 -9.13 3.63
C LEU A 298 2.58 -7.70 3.21
N LEU A 299 2.90 -6.85 4.17
CA LEU A 299 2.71 -5.40 4.02
C LEU A 299 4.05 -4.68 4.05
N GLY A 300 4.12 -3.47 3.47
CA GLY A 300 5.33 -2.65 3.55
C GLY A 300 6.46 -3.13 2.67
N ARG A 301 7.68 -3.17 3.20
CA ARG A 301 8.85 -3.53 2.43
C ARG A 301 9.23 -4.95 2.89
N THR A 302 8.21 -5.79 3.08
CA THR A 302 8.45 -7.07 3.68
C THR A 302 9.13 -7.92 2.62
N GLN A 303 10.16 -8.68 3.00
CA GLN A 303 10.83 -9.55 2.03
C GLN A 303 10.79 -10.95 2.55
N ILE A 304 10.37 -11.91 1.73
CA ILE A 304 10.42 -13.30 2.12
C ILE A 304 11.41 -13.99 1.17
N GLY A 305 12.33 -14.78 1.75
CA GLY A 305 13.26 -15.58 1.01
C GLY A 305 12.53 -16.67 0.25
N GLY A 306 13.26 -17.72 -0.15
CA GLY A 306 12.64 -18.86 -0.85
C GLY A 306 12.43 -20.06 0.05
N ARG A 307 11.54 -20.96 -0.40
CA ARG A 307 11.24 -22.21 0.31
C ARG A 307 10.80 -21.85 1.74
N CYS A 308 10.23 -20.67 1.93
CA CYS A 308 9.68 -20.36 3.23
C CYS A 308 8.27 -20.94 3.34
N VAL A 309 7.82 -21.09 4.59
CA VAL A 309 6.39 -21.34 4.85
C VAL A 309 5.82 -20.18 5.62
N VAL A 310 4.81 -19.50 5.09
CA VAL A 310 4.19 -18.33 5.81
C VAL A 310 2.72 -18.60 6.07
N GLY A 311 2.39 -18.62 7.38
CA GLY A 311 1.68 -19.87 8.03
C GLY A 311 0.34 -19.35 7.90
N PRO A 312 -0.73 -20.10 8.22
CA PRO A 312 -1.93 -19.27 8.08
C PRO A 312 -1.93 -18.08 9.09
N ASP A 313 -2.78 -17.10 8.83
CA ASP A 313 -3.12 -16.02 9.79
C ASP A 313 -1.91 -15.32 10.29
N THR A 314 -1.12 -14.82 9.35
CA THR A 314 0.13 -14.15 9.67
C THR A 314 0.05 -12.74 9.15
N THR A 315 0.53 -11.81 9.94
CA THR A 315 0.65 -10.38 9.54
C THR A 315 2.09 -9.90 9.73
N LEU A 316 2.72 -9.47 8.64
CA LEU A 316 4.12 -8.99 8.66
C LEU A 316 4.21 -7.67 7.90
N THR A 317 4.75 -6.65 8.56
CA THR A 317 5.02 -5.33 8.00
C THR A 317 6.50 -4.96 8.15
N ASP A 318 7.13 -4.74 7.03
CA ASP A 318 8.58 -4.43 7.01
C ASP A 318 9.32 -5.47 7.80
N VAL A 319 8.98 -6.72 7.53
CA VAL A 319 9.71 -7.87 8.03
C VAL A 319 10.55 -8.51 6.89
N ALA A 320 11.80 -8.81 7.23
CA ALA A 320 12.74 -9.55 6.39
C ALA A 320 12.86 -11.00 6.90
N VAL A 321 12.52 -11.96 6.04
CA VAL A 321 12.53 -13.37 6.36
C VAL A 321 13.51 -14.05 5.40
N GLY A 322 14.52 -14.73 5.96
CA GLY A 322 15.50 -15.44 5.14
C GLY A 322 14.93 -16.60 4.35
N ASP A 323 15.75 -17.55 3.86
CA ASP A 323 15.25 -18.66 3.06
C ASP A 323 14.87 -19.84 3.96
N GLY A 324 13.89 -20.64 3.54
CA GLY A 324 13.54 -21.85 4.32
C GLY A 324 13.15 -21.61 5.77
N ALA A 325 12.66 -20.42 6.13
CA ALA A 325 12.13 -20.19 7.48
C ALA A 325 10.59 -20.38 7.51
N SER A 326 10.03 -20.82 8.65
CA SER A 326 8.54 -20.78 8.82
C SER A 326 8.06 -19.69 9.80
N VAL A 327 7.05 -18.99 9.32
CA VAL A 327 6.45 -17.84 10.04
C VAL A 327 4.95 -18.03 9.99
N VAL A 328 4.48 -18.69 11.05
CA VAL A 328 3.13 -19.22 11.16
C VAL A 328 2.35 -18.49 12.30
N ARG A 329 1.14 -18.07 12.00
CA ARG A 329 0.28 -17.38 12.98
C ARG A 329 1.07 -16.35 13.77
N THR A 330 1.71 -15.43 13.04
CA THR A 330 2.61 -14.46 13.64
C THR A 330 2.19 -13.06 13.26
N HIS A 331 2.23 -12.20 14.25
CA HIS A 331 1.91 -10.79 14.11
C HIS A 331 3.21 -10.09 14.37
N GLY A 332 3.78 -9.51 13.32
CA GLY A 332 5.11 -8.86 13.47
C GLY A 332 5.37 -7.64 12.57
N SER A 333 6.27 -6.76 13.00
CA SER A 333 6.71 -5.60 12.17
C SER A 333 8.17 -5.18 12.40
N SER A 334 8.81 -4.55 11.40
CA SER A 334 10.14 -3.94 11.62
C SER A 334 11.10 -4.91 12.31
N SER A 335 11.31 -6.06 11.69
CA SER A 335 12.02 -7.12 12.35
C SER A 335 12.63 -7.97 11.30
N SER A 336 13.62 -8.75 11.72
CA SER A 336 14.30 -9.67 10.75
C SER A 336 14.36 -11.05 11.33
N ILE A 337 14.20 -12.03 10.45
CA ILE A 337 14.19 -13.45 10.77
C ILE A 337 15.05 -14.28 9.85
N GLY A 338 16.02 -15.00 10.42
CA GLY A 338 17.00 -15.64 9.60
C GLY A 338 16.57 -16.87 8.87
N ASP A 339 17.51 -17.40 8.06
CA ASP A 339 17.32 -18.59 7.25
C ASP A 339 17.04 -19.75 8.15
N GLY A 340 16.18 -20.67 7.71
CA GLY A 340 15.82 -21.87 8.49
C GLY A 340 15.25 -21.68 9.94
N ALA A 341 15.03 -20.43 10.34
CA ALA A 341 14.37 -20.13 11.62
C ALA A 341 12.89 -20.51 11.65
N ALA A 342 12.40 -20.71 12.87
CA ALA A 342 10.99 -21.07 13.12
C ALA A 342 10.31 -20.05 14.05
N VAL A 343 9.26 -19.42 13.52
CA VAL A 343 8.41 -18.49 14.28
C VAL A 343 6.90 -18.90 14.34
N GLY A 344 6.30 -18.92 15.53
CA GLY A 344 4.88 -19.26 15.60
C GLY A 344 4.63 -20.64 16.18
N PRO A 345 3.35 -21.05 16.34
CA PRO A 345 2.19 -20.19 16.10
C PRO A 345 1.92 -19.35 17.35
N PHE A 346 1.20 -18.24 17.19
CA PHE A 346 0.87 -17.32 18.26
C PHE A 346 2.09 -16.56 18.76
N THR A 347 2.73 -15.78 17.87
CA THR A 347 3.99 -15.08 18.17
C THR A 347 3.93 -13.59 17.76
N TYR A 348 4.38 -12.72 18.65
CA TYR A 348 4.31 -11.26 18.42
C TYR A 348 5.74 -10.65 18.29
N LEU A 349 6.05 -10.09 17.12
CA LEU A 349 7.34 -9.40 16.94
C LEU A 349 7.15 -7.88 16.86
N ARG A 350 7.62 -7.19 17.89
CA ARG A 350 7.72 -5.76 17.81
C ARG A 350 9.02 -5.25 17.16
N PRO A 351 9.01 -3.96 16.81
CA PRO A 351 10.12 -3.31 16.08
C PRO A 351 11.46 -3.61 16.70
N GLY A 352 12.44 -3.89 15.84
CA GLY A 352 13.79 -4.23 16.26
C GLY A 352 14.09 -5.66 16.73
N THR A 353 13.30 -6.64 16.29
CA THR A 353 13.56 -8.00 16.63
C THR A 353 14.46 -8.56 15.55
N ALA A 354 15.61 -9.08 15.93
CA ALA A 354 16.39 -9.88 14.99
C ALA A 354 16.67 -11.26 15.58
N LEU A 355 16.28 -12.27 14.82
CA LEU A 355 16.39 -13.65 15.21
C LEU A 355 17.34 -14.31 14.25
N GLY A 356 18.40 -14.84 14.78
CA GLY A 356 19.38 -15.42 13.87
C GLY A 356 18.89 -16.64 13.14
N ALA A 357 19.59 -16.99 12.08
CA ALA A 357 19.43 -18.28 11.43
C ALA A 357 19.18 -19.41 12.42
N ASP A 358 18.34 -20.35 12.00
CA ASP A 358 17.98 -21.54 12.79
C ASP A 358 17.39 -21.30 14.20
N GLY A 359 16.95 -20.07 14.44
CA GLY A 359 16.45 -19.70 15.74
C GLY A 359 14.97 -20.07 15.81
N LYS A 360 14.44 -20.00 17.04
CA LYS A 360 13.04 -20.36 17.24
C LYS A 360 12.44 -19.41 18.22
N LEU A 361 11.33 -18.78 17.79
CA LEU A 361 10.41 -18.11 18.75
C LEU A 361 9.09 -18.83 18.67
N GLY A 362 8.64 -19.41 19.79
CA GLY A 362 7.49 -20.31 19.75
C GLY A 362 6.18 -19.72 20.21
N ALA A 363 5.30 -20.58 20.74
CA ALA A 363 3.95 -20.15 21.05
C ALA A 363 3.93 -19.28 22.28
N PHE A 364 3.15 -18.20 22.17
CA PHE A 364 3.00 -17.19 23.25
C PHE A 364 4.32 -16.57 23.70
N VAL A 365 5.08 -16.11 22.71
CA VAL A 365 6.32 -15.42 22.92
C VAL A 365 6.17 -14.03 22.26
N GLU A 366 6.66 -13.01 22.97
CA GLU A 366 6.70 -11.63 22.46
C GLU A 366 8.15 -11.12 22.53
N VAL A 367 8.66 -10.64 21.40
CA VAL A 367 9.99 -10.05 21.36
C VAL A 367 9.90 -8.59 20.90
N LYS A 368 10.74 -7.76 21.52
CA LYS A 368 10.79 -6.33 21.23
C LYS A 368 12.24 -5.88 21.36
N ASN A 369 12.75 -5.19 20.31
CA ASN A 369 14.11 -4.60 20.33
C ASN A 369 15.16 -5.57 20.87
N SER A 370 15.22 -6.78 20.32
CA SER A 370 16.08 -7.82 20.92
C SER A 370 16.87 -8.55 19.90
N THR A 371 18.11 -8.89 20.23
CA THR A 371 18.89 -9.59 19.21
C THR A 371 19.13 -11.00 19.72
N ILE A 372 18.83 -11.96 18.86
CA ILE A 372 18.86 -13.35 19.28
C ILE A 372 19.67 -14.24 18.32
N GLY A 373 20.71 -14.86 18.88
CA GLY A 373 21.75 -15.49 18.09
C GLY A 373 21.36 -16.76 17.38
N THR A 374 22.19 -17.14 16.42
CA THR A 374 22.01 -18.35 15.60
C THR A 374 21.59 -19.53 16.49
N GLY A 375 20.57 -20.27 16.09
CA GLY A 375 20.16 -21.55 16.71
C GLY A 375 19.63 -21.51 18.14
N THR A 376 19.43 -20.33 18.71
CA THR A 376 18.85 -20.14 20.04
C THR A 376 17.33 -20.30 19.94
N LYS A 377 16.76 -20.88 21.00
CA LYS A 377 15.33 -21.21 21.07
C LYS A 377 14.65 -20.48 22.27
N VAL A 378 13.55 -19.78 22.01
CA VAL A 378 12.65 -19.18 23.04
C VAL A 378 11.26 -19.82 22.74
N PRO A 379 11.01 -21.02 23.25
CA PRO A 379 9.86 -21.67 22.60
C PRO A 379 8.46 -21.43 23.23
N HIS A 380 8.39 -21.07 24.52
CA HIS A 380 7.08 -21.02 25.19
C HIS A 380 6.88 -19.86 26.13
N LEU A 381 5.75 -19.15 25.99
CA LEU A 381 5.20 -18.34 27.08
C LEU A 381 6.18 -17.35 27.65
N THR A 382 6.88 -16.62 26.80
CA THR A 382 7.84 -15.69 27.37
C THR A 382 7.99 -14.32 26.68
N TYR A 383 8.28 -13.32 27.49
CA TYR A 383 8.59 -11.99 27.00
C TYR A 383 10.12 -11.68 26.92
N VAL A 384 10.56 -11.42 25.70
CA VAL A 384 11.94 -10.91 25.49
C VAL A 384 11.94 -9.48 24.94
N GLY A 385 12.32 -8.50 25.75
CA GLY A 385 12.57 -7.14 25.26
C GLY A 385 13.87 -6.51 25.79
N ASP A 386 14.47 -5.66 24.93
CA ASP A 386 15.71 -4.95 25.25
C ASP A 386 16.91 -5.90 25.66
N ALA A 387 16.99 -7.05 24.99
CA ALA A 387 17.92 -8.05 25.39
C ALA A 387 18.72 -8.50 24.22
N ASP A 388 19.96 -8.88 24.47
CA ASP A 388 20.77 -9.54 23.44
C ASP A 388 21.12 -10.92 23.92
N ILE A 389 20.77 -11.94 23.15
CA ILE A 389 20.99 -13.34 23.55
C ILE A 389 21.88 -13.97 22.52
N GLY A 390 22.84 -14.80 22.97
CA GLY A 390 23.89 -15.32 22.14
C GLY A 390 23.42 -16.49 21.30
N GLU A 391 24.33 -17.41 21.00
CA GLU A 391 24.04 -18.46 20.03
C GLU A 391 23.76 -19.75 20.75
N TYR A 392 23.01 -20.64 20.09
CA TYR A 392 22.61 -21.96 20.61
C TYR A 392 22.25 -21.92 22.06
N SER A 393 21.50 -20.90 22.50
CA SER A 393 21.01 -20.86 23.84
C SER A 393 19.54 -21.31 23.92
N ASN A 394 19.10 -21.61 25.13
CA ASN A 394 17.73 -22.11 25.30
C ASN A 394 17.15 -21.43 26.52
N ILE A 395 16.01 -20.74 26.30
CA ILE A 395 15.36 -19.91 27.33
C ILE A 395 14.13 -20.65 27.74
N GLY A 396 14.08 -21.07 29.01
CA GLY A 396 12.93 -21.84 29.56
C GLY A 396 11.58 -21.21 29.37
N ALA A 397 10.51 -21.99 29.46
CA ALA A 397 9.17 -21.46 29.34
C ALA A 397 8.83 -20.51 30.50
N SER A 398 7.83 -19.67 30.29
CA SER A 398 7.32 -18.79 31.34
C SER A 398 8.32 -17.80 31.91
N SER A 399 9.17 -17.21 31.06
CA SER A 399 10.18 -16.23 31.56
C SER A 399 9.98 -14.84 31.04
N VAL A 400 10.65 -13.94 31.70
CA VAL A 400 10.51 -12.56 31.36
C VAL A 400 11.88 -11.93 31.50
N PHE A 401 12.27 -11.25 30.42
CA PHE A 401 13.33 -10.22 30.47
C PHE A 401 12.70 -8.93 30.94
N VAL A 402 12.93 -8.65 32.22
CA VAL A 402 12.31 -7.54 32.92
C VAL A 402 13.16 -6.31 32.57
N ASN A 403 12.77 -5.69 31.45
CA ASN A 403 13.37 -4.43 31.05
C ASN A 403 12.66 -3.31 31.84
N ARG A 411 18.69 -3.02 29.68
CA ARG A 411 19.31 -4.14 28.86
C ARG A 411 19.84 -5.33 29.67
N THR A 412 19.68 -6.50 29.06
CA THR A 412 20.23 -7.73 29.52
C THR A 412 21.07 -8.37 28.41
N THR A 413 22.19 -8.98 28.79
CA THR A 413 22.95 -9.78 27.83
C THR A 413 22.93 -11.24 28.30
N VAL A 414 22.67 -12.16 27.38
CA VAL A 414 22.76 -13.57 27.69
C VAL A 414 23.76 -14.22 26.76
N GLY A 415 24.63 -15.05 27.33
CA GLY A 415 25.74 -15.66 26.59
C GLY A 415 25.33 -16.68 25.57
N SER A 416 26.28 -17.50 25.09
CA SER A 416 25.95 -18.61 24.18
C SER A 416 25.89 -19.91 24.96
N HIS A 417 25.20 -20.91 24.40
CA HIS A 417 24.96 -22.25 25.03
C HIS A 417 24.36 -22.21 26.44
N VAL A 418 23.65 -21.14 26.77
CA VAL A 418 22.97 -21.02 28.05
C VAL A 418 21.71 -21.93 28.10
N ARG A 419 21.38 -22.40 29.30
CA ARG A 419 20.07 -23.01 29.57
C ARG A 419 19.47 -22.29 30.73
N THR A 420 18.48 -21.45 30.47
CA THR A 420 17.80 -20.82 31.58
C THR A 420 16.53 -21.63 31.90
N GLY A 421 16.26 -21.81 33.18
CA GLY A 421 15.14 -22.62 33.53
C GLY A 421 13.82 -21.85 33.40
N SER A 422 12.74 -22.64 33.36
CA SER A 422 11.42 -22.13 33.38
C SER A 422 11.30 -21.10 34.47
N ASP A 423 10.42 -20.15 34.22
CA ASP A 423 10.02 -19.23 35.29
C ASP A 423 11.24 -18.48 35.83
N THR A 424 12.08 -18.00 34.91
CA THR A 424 13.18 -17.12 35.30
C THR A 424 12.85 -15.69 34.87
N MET A 425 13.09 -14.76 35.79
CA MET A 425 12.96 -13.35 35.55
C MET A 425 14.38 -12.76 35.56
N PHE A 426 14.80 -12.24 34.41
CA PHE A 426 16.06 -11.55 34.28
C PHE A 426 15.79 -10.10 34.53
N VAL A 427 16.24 -9.58 35.67
CA VAL A 427 16.00 -8.17 35.97
C VAL A 427 17.12 -7.25 35.48
N ALA A 428 16.88 -6.62 34.34
CA ALA A 428 17.85 -5.72 33.72
C ALA A 428 18.30 -4.72 34.75
N PRO A 429 19.61 -4.40 34.74
CA PRO A 429 20.49 -4.92 33.73
C PRO A 429 21.31 -5.99 34.39
N VAL A 430 21.51 -7.09 33.69
CA VAL A 430 22.10 -8.31 34.22
C VAL A 430 22.80 -8.99 33.02
N THR A 431 23.93 -9.68 33.27
CA THR A 431 24.67 -10.40 32.22
C THR A 431 24.74 -11.89 32.54
N ILE A 432 24.32 -12.76 31.62
CA ILE A 432 24.41 -14.20 31.85
C ILE A 432 25.49 -14.83 30.98
N GLY A 433 26.54 -15.35 31.62
CA GLY A 433 27.76 -15.82 30.98
C GLY A 433 27.59 -17.02 30.07
N ASP A 434 28.53 -17.23 29.16
CA ASP A 434 28.39 -18.35 28.23
C ASP A 434 28.19 -19.65 29.03
N GLY A 435 27.30 -20.52 28.54
CA GLY A 435 27.13 -21.86 29.07
C GLY A 435 26.51 -21.94 30.47
N ALA A 436 26.07 -20.80 31.05
CA ALA A 436 25.40 -20.80 32.34
C ALA A 436 23.96 -21.43 32.36
N TYR A 437 23.52 -21.81 33.56
CA TYR A 437 22.22 -22.39 33.76
C TYR A 437 21.57 -21.56 34.79
N THR A 438 20.24 -21.67 34.76
CA THR A 438 19.38 -21.03 35.76
C THR A 438 18.40 -22.09 36.23
N GLY A 439 18.18 -22.20 37.53
CA GLY A 439 17.17 -23.12 38.00
C GLY A 439 15.74 -22.68 37.72
N ALA A 440 14.80 -23.63 37.69
CA ALA A 440 13.42 -23.28 37.53
C ALA A 440 12.97 -22.22 38.61
N GLY A 441 12.17 -21.23 38.22
CA GLY A 441 11.77 -20.16 39.15
C GLY A 441 12.84 -19.33 39.86
N THR A 442 13.89 -18.95 39.15
CA THR A 442 14.93 -18.07 39.66
C THR A 442 14.68 -16.61 39.26
N VAL A 443 14.97 -15.71 40.18
CA VAL A 443 14.95 -14.31 39.85
C VAL A 443 16.40 -13.91 39.78
N VAL A 444 16.85 -13.44 38.62
CA VAL A 444 18.22 -13.07 38.45
C VAL A 444 18.34 -11.55 38.54
N ARG A 445 19.08 -11.10 39.56
CA ARG A 445 19.26 -9.70 39.93
C ARG A 445 20.73 -9.33 39.83
N GLU A 446 21.65 -10.31 39.94
CA GLU A 446 23.12 -10.11 39.77
C GLU A 446 23.72 -11.00 38.66
N ASP A 447 24.86 -10.60 38.09
CA ASP A 447 25.49 -11.36 37.02
C ASP A 447 25.76 -12.84 37.29
N VAL A 448 25.71 -13.64 36.22
CA VAL A 448 25.93 -15.04 36.34
C VAL A 448 27.18 -15.44 35.56
N PRO A 449 28.25 -15.84 36.30
CA PRO A 449 29.52 -16.30 35.70
C PRO A 449 29.30 -17.39 34.63
N PRO A 450 30.16 -17.43 33.60
CA PRO A 450 30.05 -18.52 32.61
C PRO A 450 30.08 -19.85 33.32
N GLY A 451 29.22 -20.77 32.91
CA GLY A 451 29.18 -22.08 33.49
C GLY A 451 28.71 -22.22 34.93
N ALA A 452 28.12 -21.17 35.51
CA ALA A 452 27.47 -21.24 36.84
C ALA A 452 25.98 -21.61 36.78
N LEU A 453 25.50 -22.21 37.86
CA LEU A 453 24.07 -22.36 38.09
C LEU A 453 23.59 -21.25 39.04
N ALA A 454 22.80 -20.30 38.52
CA ALA A 454 22.05 -19.31 39.36
C ALA A 454 20.71 -19.89 39.79
N VAL A 455 20.44 -19.81 41.10
CA VAL A 455 19.13 -20.20 41.67
C VAL A 455 18.70 -19.17 42.72
N SER A 456 17.39 -19.19 43.03
CA SER A 456 16.77 -18.46 44.16
C SER A 456 15.50 -19.15 44.75
N ALA A 457 14.86 -20.07 44.05
CA ALA A 457 13.68 -20.78 44.60
C ALA A 457 13.90 -21.44 45.98
N GLY A 458 12.94 -21.27 46.92
CA GLY A 458 12.99 -21.97 48.23
C GLY A 458 12.83 -23.50 48.11
N PRO A 459 13.24 -24.26 49.15
CA PRO A 459 13.06 -25.75 49.02
C PRO A 459 11.58 -26.18 49.13
N GLN A 460 11.22 -27.31 48.52
CA GLN A 460 9.85 -27.83 48.59
C GLN A 460 9.57 -28.33 49.99
N ARG A 461 8.34 -28.14 50.41
CA ARG A 461 7.86 -28.69 51.67
C ARG A 461 6.44 -29.30 51.48
N ASN A 462 6.26 -30.52 51.95
CA ASN A 462 5.00 -31.15 51.77
C ASN A 462 4.23 -31.06 53.08
N ILE A 463 3.03 -30.51 53.06
CA ILE A 463 2.19 -30.55 54.25
C ILE A 463 1.13 -31.66 54.09
N GLU A 464 1.39 -32.77 54.81
CA GLU A 464 0.64 -34.00 54.72
C GLU A 464 -0.71 -33.82 55.29
N ASN A 465 -1.71 -34.23 54.53
CA ASN A 465 -3.06 -34.34 54.96
C ASN A 465 -3.63 -33.00 55.12
N TRP A 466 -3.00 -32.00 54.47
CA TRP A 466 -3.53 -30.64 54.51
C TRP A 466 -4.96 -30.56 53.96
N VAL A 467 -5.22 -31.33 52.91
CA VAL A 467 -6.51 -31.28 52.23
C VAL A 467 -7.69 -31.85 53.07
N GLN A 468 -7.44 -32.92 53.84
CA GLN A 468 -8.43 -33.46 54.79
C GLN A 468 -8.76 -32.40 55.80
N ARG A 469 -7.73 -31.72 56.30
CA ARG A 469 -7.95 -30.68 57.31
C ARG A 469 -8.65 -29.43 56.76
N LYS A 470 -8.42 -29.09 55.49
CA LYS A 470 -9.05 -27.91 54.89
C LYS A 470 -9.96 -28.22 53.70
#